data_3KXC
#
_entry.id   3KXC
#
_cell.length_a   48.172
_cell.length_b   69.265
_cell.length_c   121.376
_cell.angle_alpha   90.00
_cell.angle_beta   90.00
_cell.angle_gamma   90.00
#
_symmetry.space_group_name_H-M   'P 21 21 21'
#
loop_
_entity.id
_entity.type
_entity.pdbx_description
1 polymer 'Trafficking protein particle complex subunit 3'
2 polymer 'Trafficking protein particle complex subunit 6B'
3 non-polymer 'PALMITIC ACID'
4 water water
#
loop_
_entity_poly.entity_id
_entity_poly.type
_entity_poly.pdbx_seq_one_letter_code
_entity_poly.pdbx_strand_id
1 'polypeptide(L)'
;MGSSHHHHHHSQDPMSRQANRGTESKKMSSELFTLTYGALVTQLCKDYENDEDVNKQLDKMGFNIGVRLIEDFLARSNVG
RAHDFRETADVIAKVAFKMYLGITPSITNWSPAGDEFSLILENNPLVDFVELPDNHSSLIYSNLLCGVLRGALEMVQMAV
EAKFVQDTLKGDGVTEIRMRFIRRIEDNLPAGEE
;
A
2 'polypeptide(L)'
;MADEALFLLLHNEMVSGVYKSAEQGEVENGRCITKLENMGFRVGQGLIERFTKDTARFKDELDIMKFICKDFWTTVFKKQ
IDNLRTNHQGIYVLQDNKFRLLTQMSAGKQYLEHASKYLAFTCGLIRGGLSNLGIKSIVTAEVSSMPACKFQVMIQKL
;
C
#
loop_
_chem_comp.id
_chem_comp.type
_chem_comp.name
_chem_comp.formula
PLM non-polymer 'PALMITIC ACID' 'C16 H32 O2'
#
# COMPACT_ATOMS: atom_id res chain seq x y z
N SER A 30 -5.15 5.66 -7.08
CA SER A 30 -5.62 4.28 -6.84
C SER A 30 -6.09 4.09 -5.41
N GLU A 31 -7.35 3.72 -5.29
CA GLU A 31 -7.96 3.38 -4.01
C GLU A 31 -7.22 2.20 -3.39
N LEU A 32 -6.85 1.22 -4.22
CA LEU A 32 -6.16 0.04 -3.73
C LEU A 32 -4.96 0.41 -2.86
N PHE A 33 -4.06 1.24 -3.36
CA PHE A 33 -2.91 1.64 -2.54
C PHE A 33 -3.30 2.42 -1.28
N THR A 34 -4.17 3.42 -1.47
CA THR A 34 -4.68 4.30 -0.39
C THR A 34 -5.33 3.49 0.74
N LEU A 35 -6.18 2.56 0.36
CA LEU A 35 -6.87 1.70 1.32
C LEU A 35 -5.92 0.76 2.05
N THR A 36 -4.95 0.20 1.31
CA THR A 36 -3.97 -0.69 1.89
C THR A 36 -3.08 0.08 2.86
N TYR A 37 -2.64 1.26 2.45
CA TYR A 37 -1.81 2.07 3.33
C TYR A 37 -2.54 2.51 4.59
N GLY A 38 -3.81 2.90 4.46
CA GLY A 38 -4.65 3.23 5.60
C GLY A 38 -4.82 2.06 6.57
N ALA A 39 -5.00 0.85 6.02
CA ALA A 39 -5.12 -0.37 6.85
C ALA A 39 -3.82 -0.64 7.62
N LEU A 40 -2.69 -0.48 6.93
CA LEU A 40 -1.37 -0.61 7.54
C LEU A 40 -1.25 0.34 8.73
N VAL A 41 -1.47 1.64 8.48
CA VAL A 41 -1.37 2.66 9.54
C VAL A 41 -2.27 2.31 10.73
N THR A 42 -3.50 1.89 10.44
CA THR A 42 -4.42 1.46 11.47
C THR A 42 -3.88 0.29 12.32
N GLN A 43 -3.27 -0.68 11.66
CA GLN A 43 -2.76 -1.86 12.34
C GLN A 43 -1.53 -1.50 13.16
N LEU A 44 -0.66 -0.67 12.62
CA LEU A 44 0.53 -0.25 13.34
C LEU A 44 0.16 0.48 14.64
N CYS A 45 -0.86 1.32 14.57
CA CYS A 45 -1.35 2.08 15.72
C CYS A 45 -1.91 1.18 16.82
N LYS A 46 -2.40 0.01 16.45
CA LYS A 46 -2.89 -0.97 17.40
C LYS A 46 -1.69 -1.70 18.01
N ASP A 47 -0.68 -1.95 17.19
CA ASP A 47 0.51 -2.70 17.62
C ASP A 47 1.38 -1.90 18.60
N TYR A 48 1.52 -0.60 18.33
CA TYR A 48 2.40 0.27 19.11
C TYR A 48 1.63 1.17 20.08
N GLU A 49 2.13 1.27 21.30
CA GLU A 49 1.52 2.13 22.31
C GLU A 49 1.64 3.61 21.95
N ASN A 50 2.76 3.99 21.33
CA ASN A 50 2.94 5.39 20.93
C ASN A 50 3.28 5.63 19.45
N ASP A 51 2.82 6.76 18.95
CA ASP A 51 2.89 7.08 17.52
C ASP A 51 4.30 7.28 16.96
N GLU A 52 5.24 7.63 17.85
CA GLU A 52 6.64 7.77 17.46
C GLU A 52 7.21 6.44 16.96
N ASP A 53 6.85 5.34 17.64
CA ASP A 53 7.18 3.99 17.16
C ASP A 53 6.46 3.69 15.84
N VAL A 54 5.21 4.13 15.70
CA VAL A 54 4.53 4.00 14.40
C VAL A 54 5.30 4.76 13.30
N ASN A 55 5.62 6.04 13.56
CA ASN A 55 6.41 6.86 12.64
C ASN A 55 7.71 6.18 12.20
N LYS A 56 8.45 5.63 13.17
CA LYS A 56 9.71 4.96 12.89
C LYS A 56 9.51 3.75 11.97
N GLN A 57 8.50 2.94 12.26
CA GLN A 57 8.21 1.75 11.45
C GLN A 57 7.78 2.11 10.01
N LEU A 58 6.91 3.11 9.89
CA LEU A 58 6.49 3.64 8.59
C LEU A 58 7.69 4.10 7.76
N ASP A 59 8.57 4.86 8.39
CA ASP A 59 9.80 5.29 7.73
C ASP A 59 10.67 4.12 7.26
N LYS A 60 10.88 3.15 8.15
N LYS A 60 10.87 3.14 8.14
CA LYS A 60 11.66 1.95 7.83
CA LYS A 60 11.69 1.97 7.81
C LYS A 60 11.09 1.26 6.59
C LYS A 60 11.11 1.17 6.64
N MET A 61 9.78 0.99 6.63
CA MET A 61 9.10 0.31 5.52
C MET A 61 9.21 1.09 4.21
N GLY A 62 9.08 2.42 4.31
CA GLY A 62 9.25 3.33 3.19
C GLY A 62 10.65 3.25 2.62
N PHE A 63 11.65 3.28 3.51
CA PHE A 63 13.06 3.16 3.09
C PHE A 63 13.25 1.89 2.25
N ASN A 64 12.76 0.76 2.77
CA ASN A 64 12.87 -0.52 2.08
C ASN A 64 12.14 -0.53 0.75
N ILE A 65 10.98 0.11 0.70
CA ILE A 65 10.24 0.25 -0.54
C ILE A 65 11.02 1.11 -1.56
N GLY A 66 11.50 2.27 -1.11
CA GLY A 66 12.21 3.20 -2.00
C GLY A 66 13.44 2.57 -2.66
N VAL A 67 14.17 1.74 -1.91
CA VAL A 67 15.31 1.01 -2.42
C VAL A 67 14.92 0.17 -3.64
N ARG A 68 13.71 -0.40 -3.62
CA ARG A 68 13.21 -1.19 -4.73
C ARG A 68 12.58 -0.31 -5.80
N LEU A 69 11.88 0.75 -5.37
CA LEU A 69 11.19 1.65 -6.28
C LEU A 69 12.11 2.31 -7.30
N ILE A 70 13.32 2.67 -6.86
CA ILE A 70 14.27 3.37 -7.73
C ILE A 70 14.62 2.56 -9.00
N GLU A 71 14.75 1.25 -8.85
CA GLU A 71 15.04 0.37 -9.99
C GLU A 71 13.84 0.31 -10.96
N ASP A 72 12.63 0.29 -10.40
CA ASP A 72 11.42 0.43 -11.21
C ASP A 72 11.40 1.77 -11.96
N PHE A 73 11.69 2.85 -11.23
CA PHE A 73 11.63 4.20 -11.79
C PHE A 73 12.65 4.42 -12.92
N LEU A 74 13.90 4.03 -12.68
CA LEU A 74 14.97 4.24 -13.65
C LEU A 74 14.77 3.43 -14.93
N ALA A 75 14.10 2.29 -14.81
CA ALA A 75 13.77 1.45 -15.96
C ALA A 75 12.60 1.98 -16.79
N ARG A 76 11.76 2.82 -16.18
CA ARG A 76 10.54 3.30 -16.81
C ARG A 76 10.65 4.69 -17.44
N SER A 77 11.65 5.46 -17.04
CA SER A 77 11.85 6.82 -17.54
C SER A 77 13.21 7.02 -18.19
N ASN A 78 13.32 8.07 -18.99
CA ASN A 78 14.60 8.50 -19.55
C ASN A 78 14.93 9.90 -19.03
N VAL A 79 15.16 9.99 -17.72
CA VAL A 79 15.39 11.26 -17.03
C VAL A 79 16.80 11.82 -17.24
N GLY A 80 17.64 11.04 -17.93
CA GLY A 80 19.07 11.32 -17.98
C GLY A 80 19.63 11.06 -16.60
N ARG A 81 20.60 11.88 -16.19
CA ARG A 81 21.06 11.88 -14.80
C ARG A 81 21.22 13.30 -14.27
N ALA A 82 20.72 13.50 -13.05
CA ALA A 82 20.69 14.81 -12.43
C ALA A 82 22.04 15.17 -11.79
N HIS A 83 22.72 16.15 -12.38
CA HIS A 83 24.01 16.61 -11.84
C HIS A 83 23.92 17.77 -10.83
N ASP A 84 22.83 17.78 -10.08
CA ASP A 84 22.72 18.46 -8.78
C ASP A 84 21.37 18.24 -8.10
N PHE A 85 21.22 18.76 -6.89
CA PHE A 85 19.99 18.61 -6.11
C PHE A 85 18.83 19.33 -6.78
N ARG A 86 19.12 20.41 -7.52
CA ARG A 86 18.10 21.14 -8.27
C ARG A 86 17.46 20.31 -9.38
N GLU A 87 18.30 19.64 -10.18
CA GLU A 87 17.83 18.74 -11.23
C GLU A 87 17.10 17.51 -10.65
N THR A 88 17.59 17.02 -9.50
CA THR A 88 16.95 15.91 -8.80
C THR A 88 15.56 16.30 -8.34
N ALA A 89 15.41 17.51 -7.79
CA ALA A 89 14.11 18.03 -7.37
C ALA A 89 13.10 17.96 -8.51
N ASP A 90 13.50 18.43 -9.69
CA ASP A 90 12.65 18.45 -10.87
C ASP A 90 12.21 17.05 -11.25
N VAL A 91 13.16 16.11 -11.22
CA VAL A 91 12.86 14.72 -11.52
C VAL A 91 11.87 14.13 -10.52
N ILE A 92 12.11 14.35 -9.23
CA ILE A 92 11.19 13.89 -8.20
C ILE A 92 9.78 14.48 -8.41
N ALA A 93 9.68 15.81 -8.38
CA ALA A 93 8.38 16.51 -8.43
C ALA A 93 7.61 16.28 -9.72
N LYS A 94 8.28 16.42 -10.85
CA LYS A 94 7.62 16.49 -12.15
C LYS A 94 7.46 15.14 -12.86
N VAL A 95 8.32 14.18 -12.52
CA VAL A 95 8.33 12.90 -13.21
C VAL A 95 7.89 11.76 -12.29
N ALA A 96 8.58 11.61 -11.15
CA ALA A 96 8.35 10.47 -10.25
C ALA A 96 7.02 10.50 -9.51
N PHE A 97 6.67 11.64 -8.91
CA PHE A 97 5.37 11.82 -8.25
C PHE A 97 4.25 11.64 -9.26
N LYS A 98 4.46 12.16 -10.45
CA LYS A 98 3.49 12.04 -11.53
C LYS A 98 3.27 10.56 -11.86
N MET A 99 4.37 9.85 -12.13
CA MET A 99 4.32 8.42 -12.41
C MET A 99 3.63 7.59 -11.33
N TYR A 100 4.00 7.78 -10.07
CA TYR A 100 3.50 6.91 -8.99
C TYR A 100 2.19 7.37 -8.34
N LEU A 101 1.99 8.69 -8.24
CA LEU A 101 0.81 9.22 -7.55
C LEU A 101 -0.13 10.03 -8.45
N GLY A 102 0.30 10.34 -9.68
CA GLY A 102 -0.52 11.11 -10.60
C GLY A 102 -0.66 12.56 -10.17
N ILE A 103 0.35 13.04 -9.44
CA ILE A 103 0.36 14.41 -8.94
C ILE A 103 1.72 15.07 -9.15
N THR A 104 1.72 16.40 -9.18
CA THR A 104 2.93 17.18 -9.40
C THR A 104 3.03 18.22 -8.28
N PRO A 105 3.76 17.89 -7.19
CA PRO A 105 4.03 18.90 -6.17
C PRO A 105 4.84 20.05 -6.76
N SER A 106 4.62 21.26 -6.25
CA SER A 106 5.44 22.38 -6.64
C SER A 106 6.70 22.41 -5.78
N ILE A 107 7.79 22.88 -6.35
CA ILE A 107 9.04 23.02 -5.65
C ILE A 107 9.20 24.47 -5.22
N THR A 108 9.47 24.68 -3.93
CA THR A 108 9.64 26.04 -3.38
C THR A 108 10.75 26.08 -2.33
N ASN A 109 11.05 27.29 -1.83
CA ASN A 109 11.93 27.54 -0.67
C ASN A 109 13.35 26.93 -0.80
N TRP A 110 14.02 27.21 -1.91
CA TRP A 110 15.42 26.78 -2.09
C TRP A 110 16.35 27.52 -1.14
N SER A 111 17.21 26.79 -0.42
CA SER A 111 18.30 27.43 0.31
C SER A 111 19.29 28.00 -0.72
N PRO A 112 19.89 29.18 -0.42
CA PRO A 112 20.91 29.75 -1.31
C PRO A 112 22.03 28.75 -1.71
N ALA A 113 22.30 27.78 -0.85
CA ALA A 113 23.38 26.79 -1.09
C ALA A 113 22.94 25.59 -1.94
N GLY A 114 21.67 25.55 -2.31
CA GLY A 114 21.11 24.48 -3.15
C GLY A 114 21.01 23.11 -2.51
N ASP A 115 20.98 23.05 -1.19
CA ASP A 115 20.97 21.76 -0.51
C ASP A 115 19.65 21.51 0.22
N GLU A 116 18.64 22.32 -0.06
CA GLU A 116 17.37 22.22 0.64
C GLU A 116 16.25 22.80 -0.20
N PHE A 117 15.13 22.08 -0.27
CA PHE A 117 13.96 22.59 -1.01
C PHE A 117 12.71 21.95 -0.43
N SER A 118 11.56 22.50 -0.78
CA SER A 118 10.28 21.97 -0.32
C SER A 118 9.44 21.46 -1.48
N LEU A 119 8.70 20.39 -1.21
CA LEU A 119 7.64 19.92 -2.08
C LEU A 119 6.33 20.37 -1.45
N ILE A 120 5.58 21.20 -2.15
CA ILE A 120 4.28 21.63 -1.66
C ILE A 120 3.11 20.86 -2.34
N LEU A 121 2.23 20.29 -1.50
CA LEU A 121 1.03 19.60 -1.96
C LEU A 121 -0.23 20.24 -1.39
N GLU A 122 -1.34 20.09 -2.12
N GLU A 122 -1.34 20.12 -2.12
CA GLU A 122 -2.62 20.72 -1.75
CA GLU A 122 -2.59 20.73 -1.71
C GLU A 122 -3.44 19.90 -0.76
C GLU A 122 -3.28 19.98 -0.58
N ASN A 123 -2.95 18.70 -0.42
CA ASN A 123 -3.55 17.84 0.61
C ASN A 123 -2.53 16.80 1.07
N ASN A 124 -2.91 15.84 1.91
CA ASN A 124 -1.95 14.78 2.27
C ASN A 124 -1.96 13.70 1.16
N PRO A 125 -0.78 13.36 0.62
CA PRO A 125 -0.78 12.52 -0.60
C PRO A 125 -1.26 11.08 -0.43
N LEU A 126 -1.16 10.53 0.78
CA LEU A 126 -1.51 9.12 0.97
C LEU A 126 -2.76 8.91 1.80
N VAL A 127 -3.20 9.96 2.51
CA VAL A 127 -4.30 9.85 3.50
C VAL A 127 -5.34 10.97 3.30
N ASP A 128 -6.59 10.57 3.17
CA ASP A 128 -7.70 11.48 2.90
C ASP A 128 -8.33 12.06 4.17
N PHE A 129 -8.35 11.27 5.24
CA PHE A 129 -9.16 11.59 6.44
C PHE A 129 -8.45 11.16 7.72
N VAL A 130 -8.74 11.89 8.80
CA VAL A 130 -8.29 11.52 10.14
C VAL A 130 -9.52 11.39 11.03
N GLU A 131 -9.43 10.56 12.06
CA GLU A 131 -10.53 10.35 12.97
C GLU A 131 -10.59 11.38 14.09
N LEU A 132 -11.82 11.82 14.38
CA LEU A 132 -12.08 12.72 15.49
C LEU A 132 -12.80 11.96 16.61
N PRO A 133 -12.43 12.26 17.87
CA PRO A 133 -11.44 13.26 18.26
C PRO A 133 -9.99 12.76 18.09
N ASP A 134 -9.03 13.69 18.03
CA ASP A 134 -7.63 13.33 17.80
C ASP A 134 -7.04 12.54 18.96
N ASN A 135 -6.50 11.37 18.62
CA ASN A 135 -5.78 10.53 19.56
CA ASN A 135 -5.77 10.55 19.56
C ASN A 135 -4.38 10.24 19.03
N HIS A 136 -3.98 10.96 17.99
CA HIS A 136 -2.69 10.71 17.32
C HIS A 136 -2.00 11.98 16.88
N SER A 137 -1.85 12.93 17.81
CA SER A 137 -1.29 14.24 17.48
C SER A 137 0.12 14.11 16.92
N SER A 138 0.88 13.15 17.43
CA SER A 138 2.29 12.92 17.06
C SER A 138 2.48 12.06 15.80
N LEU A 139 1.38 11.46 15.33
CA LEU A 139 1.46 10.60 14.16
C LEU A 139 1.65 11.39 12.87
N ILE A 140 2.65 10.97 12.09
CA ILE A 140 2.95 11.53 10.77
C ILE A 140 2.33 10.56 9.79
N TYR A 141 1.10 10.84 9.38
CA TYR A 141 0.24 9.88 8.69
C TYR A 141 0.91 9.25 7.47
N SER A 142 1.66 10.06 6.72
CA SER A 142 2.29 9.59 5.49
C SER A 142 3.83 9.51 5.59
N ASN A 143 4.32 9.20 6.78
CA ASN A 143 5.78 9.11 7.00
C ASN A 143 6.46 8.08 6.11
N LEU A 144 5.69 7.12 5.62
CA LEU A 144 6.24 6.12 4.70
C LEU A 144 6.87 6.80 3.46
N LEU A 145 6.23 7.85 2.98
CA LEU A 145 6.70 8.58 1.81
C LEU A 145 8.08 9.20 2.04
N CYS A 146 8.37 9.64 3.27
CA CYS A 146 9.68 10.16 3.61
C CYS A 146 10.74 9.06 3.55
N GLY A 147 10.39 7.87 4.02
CA GLY A 147 11.30 6.72 3.89
C GLY A 147 11.54 6.39 2.41
N VAL A 148 10.47 6.31 1.64
CA VAL A 148 10.57 6.04 0.20
C VAL A 148 11.59 7.00 -0.45
N LEU A 149 11.38 8.30 -0.24
CA LEU A 149 12.30 9.32 -0.75
C LEU A 149 13.76 9.10 -0.33
N ARG A 150 13.99 8.86 0.96
CA ARG A 150 15.35 8.66 1.44
C ARG A 150 15.98 7.41 0.81
N GLY A 151 15.23 6.31 0.81
CA GLY A 151 15.71 5.02 0.30
C GLY A 151 16.03 5.06 -1.19
N ALA A 152 15.16 5.70 -1.97
CA ALA A 152 15.36 5.80 -3.41
C ALA A 152 16.57 6.67 -3.74
N LEU A 153 16.76 7.75 -2.99
CA LEU A 153 17.91 8.63 -3.24
C LEU A 153 19.23 8.02 -2.76
N GLU A 154 19.18 7.28 -1.67
CA GLU A 154 20.37 6.56 -1.22
C GLU A 154 20.94 5.68 -2.34
N MET A 155 20.05 5.08 -3.13
CA MET A 155 20.45 4.21 -4.23
C MET A 155 21.08 4.95 -5.41
N VAL A 156 20.88 6.26 -5.49
CA VAL A 156 21.60 7.10 -6.46
C VAL A 156 22.71 7.91 -5.79
N GLN A 157 23.19 7.40 -4.65
CA GLN A 157 24.36 7.91 -3.93
C GLN A 157 24.16 9.28 -3.23
N MET A 158 22.91 9.60 -2.93
CA MET A 158 22.59 10.83 -2.20
C MET A 158 22.01 10.52 -0.83
N ALA A 159 22.76 10.86 0.22
CA ALA A 159 22.24 10.85 1.58
C ALA A 159 21.38 12.11 1.77
N VAL A 160 20.09 11.90 2.02
CA VAL A 160 19.17 13.01 2.21
C VAL A 160 18.29 12.77 3.42
N GLU A 161 17.57 13.82 3.79
CA GLU A 161 16.56 13.76 4.81
C GLU A 161 15.29 14.31 4.21
N ALA A 162 14.19 13.58 4.39
CA ALA A 162 12.86 14.02 4.00
C ALA A 162 11.98 14.14 5.25
N LYS A 163 11.20 15.23 5.33
CA LYS A 163 10.39 15.48 6.52
C LYS A 163 9.17 16.34 6.24
N PHE A 164 8.01 15.90 6.71
CA PHE A 164 6.82 16.75 6.67
C PHE A 164 7.01 17.92 7.64
N VAL A 165 6.89 19.14 7.13
CA VAL A 165 6.92 20.33 7.99
C VAL A 165 5.59 21.06 8.03
N GLN A 166 4.71 20.73 7.08
CA GLN A 166 3.31 21.11 7.13
C GLN A 166 2.49 19.93 6.65
N ASP A 167 1.27 19.84 7.15
CA ASP A 167 0.34 18.78 6.74
C ASP A 167 -1.08 19.34 6.82
N THR A 168 -1.84 19.25 5.73
CA THR A 168 -3.24 19.67 5.76
C THR A 168 -4.03 18.90 6.84
N LEU A 169 -3.66 17.63 7.03
CA LEU A 169 -4.30 16.79 8.07
C LEU A 169 -3.94 17.20 9.48
N LYS A 170 -2.94 18.08 9.61
CA LYS A 170 -2.60 18.68 10.92
C LYS A 170 -3.14 20.11 11.02
N GLY A 171 -3.91 20.52 10.01
CA GLY A 171 -4.55 21.81 10.06
C GLY A 171 -3.79 22.91 9.33
N ASP A 172 -2.73 22.54 8.63
CA ASP A 172 -1.95 23.53 7.86
C ASP A 172 -2.62 23.85 6.53
N GLY A 173 -2.27 25.00 5.96
CA GLY A 173 -2.86 25.43 4.69
C GLY A 173 -2.48 24.52 3.54
N VAL A 174 -1.24 24.04 3.57
CA VAL A 174 -0.71 23.13 2.56
C VAL A 174 -0.02 21.95 3.24
N THR A 175 0.31 20.92 2.47
CA THR A 175 1.22 19.88 2.94
C THR A 175 2.61 20.22 2.40
N GLU A 176 3.62 20.12 3.25
CA GLU A 176 4.98 20.48 2.83
C GLU A 176 5.98 19.43 3.28
N ILE A 177 6.68 18.86 2.31
CA ILE A 177 7.78 17.95 2.57
C ILE A 177 9.08 18.70 2.32
N ARG A 178 9.88 18.83 3.36
N ARG A 178 9.86 18.85 3.37
CA ARG A 178 11.17 19.50 3.24
CA ARG A 178 11.17 19.47 3.26
C ARG A 178 12.28 18.48 3.00
C ARG A 178 12.21 18.40 2.90
N MET A 179 13.07 18.74 1.95
CA MET A 179 14.13 17.83 1.49
C MET A 179 15.49 18.47 1.71
N ARG A 180 16.38 17.77 2.42
CA ARG A 180 17.74 18.26 2.65
C ARG A 180 18.76 17.29 2.10
N PHE A 181 19.74 17.81 1.35
CA PHE A 181 20.88 17.03 0.91
C PHE A 181 21.96 17.05 1.98
N ILE A 182 22.33 15.88 2.51
CA ILE A 182 23.33 15.75 3.57
C ILE A 182 24.74 15.49 3.04
N ARG A 183 24.92 14.40 2.30
CA ARG A 183 26.23 13.99 1.76
C ARG A 183 26.03 13.24 0.46
N ARG A 184 27.09 13.14 -0.34
CA ARG A 184 27.16 12.11 -1.36
C ARG A 184 27.66 10.84 -0.69
N ILE A 185 27.21 9.70 -1.21
CA ILE A 185 27.65 8.40 -0.72
C ILE A 185 28.76 7.90 -1.63
N ALA B 2 -2.85 6.03 -8.05
CA ALA B 2 -1.57 5.42 -7.64
C ALA B 2 -1.20 4.27 -8.58
N ASP B 3 -0.04 4.42 -9.22
CA ASP B 3 0.54 3.37 -10.07
C ASP B 3 0.59 2.03 -9.32
N GLU B 4 0.42 0.93 -10.06
CA GLU B 4 0.35 -0.40 -9.48
C GLU B 4 1.61 -0.84 -8.72
N ALA B 5 2.78 -0.39 -9.18
CA ALA B 5 4.05 -0.71 -8.52
C ALA B 5 4.03 -0.45 -7.01
N LEU B 6 3.32 0.59 -6.58
CA LEU B 6 3.30 0.98 -5.18
C LEU B 6 2.60 -0.05 -4.31
N PHE B 7 1.47 -0.59 -4.79
CA PHE B 7 0.77 -1.60 -4.05
C PHE B 7 1.61 -2.86 -3.94
N LEU B 8 2.22 -3.24 -5.06
CA LEU B 8 3.04 -4.45 -5.15
C LEU B 8 4.23 -4.39 -4.18
N LEU B 9 4.93 -3.26 -4.16
CA LEU B 9 6.03 -3.03 -3.23
C LEU B 9 5.59 -2.99 -1.76
N LEU B 10 4.47 -2.32 -1.49
CA LEU B 10 3.95 -2.22 -0.13
C LEU B 10 3.55 -3.59 0.39
N HIS B 11 2.78 -4.35 -0.40
CA HIS B 11 2.39 -5.71 0.00
C HIS B 11 3.60 -6.59 0.31
N ASN B 12 4.63 -6.49 -0.52
CA ASN B 12 5.83 -7.28 -0.36
C ASN B 12 6.56 -6.88 0.92
N GLU B 13 6.60 -5.57 1.18
CA GLU B 13 7.20 -5.06 2.41
C GLU B 13 6.40 -5.46 3.66
N MET B 14 5.07 -5.47 3.55
CA MET B 14 4.25 -5.93 4.67
C MET B 14 4.45 -7.40 5.03
N VAL B 15 4.56 -8.27 4.02
CA VAL B 15 4.69 -9.70 4.27
C VAL B 15 6.06 -10.06 4.86
N SER B 16 7.12 -9.43 4.38
CA SER B 16 8.44 -9.62 5.01
C SER B 16 8.61 -8.56 6.10
N GLY B 17 8.25 -8.93 7.33
CA GLY B 17 8.25 -8.00 8.45
C GLY B 17 7.00 -7.12 8.45
N GLN B 24 10.27 -15.46 15.68
CA GLN B 24 9.18 -14.84 16.43
C GLN B 24 8.39 -15.83 17.29
N GLY B 25 8.39 -17.10 16.89
CA GLY B 25 7.57 -18.12 17.55
C GLY B 25 6.27 -18.34 16.79
N GLU B 26 5.73 -19.55 16.85
N GLU B 26 5.73 -19.56 16.89
CA GLU B 26 4.51 -19.89 16.11
CA GLU B 26 4.51 -19.99 16.20
C GLU B 26 3.29 -19.01 16.42
C GLU B 26 3.29 -19.07 16.44
N VAL B 27 3.18 -18.58 17.68
CA VAL B 27 2.04 -17.73 18.09
C VAL B 27 2.14 -16.35 17.40
N GLU B 28 3.28 -15.69 17.58
CA GLU B 28 3.54 -14.41 16.94
C GLU B 28 3.36 -14.50 15.42
N ASN B 29 3.95 -15.53 14.82
CA ASN B 29 3.78 -15.74 13.37
C ASN B 29 2.31 -15.85 12.97
N GLY B 30 1.55 -16.61 13.76
CA GLY B 30 0.10 -16.73 13.57
C GLY B 30 -0.59 -15.38 13.63
N ARG B 31 -0.23 -14.57 14.63
CA ARG B 31 -0.76 -13.22 14.78
C ARG B 31 -0.48 -12.36 13.56
N CYS B 32 0.71 -12.54 12.97
CA CYS B 32 1.11 -11.80 11.77
CA CYS B 32 1.10 -11.79 11.78
C CYS B 32 0.20 -12.13 10.60
N ILE B 33 -0.04 -13.43 10.39
CA ILE B 33 -0.94 -13.89 9.33
C ILE B 33 -2.33 -13.30 9.51
N THR B 34 -2.85 -13.35 10.73
CA THR B 34 -4.16 -12.81 11.05
C THR B 34 -4.21 -11.30 10.78
N LYS B 35 -3.13 -10.58 11.05
CA LYS B 35 -3.06 -9.14 10.80
C LYS B 35 -3.10 -8.87 9.30
N LEU B 36 -2.34 -9.66 8.54
CA LEU B 36 -2.35 -9.54 7.09
C LEU B 36 -3.77 -9.76 6.55
N GLU B 37 -4.42 -10.83 6.98
CA GLU B 37 -5.78 -11.15 6.50
C GLU B 37 -6.77 -10.03 6.88
N ASN B 38 -6.72 -9.59 8.13
CA ASN B 38 -7.61 -8.55 8.65
C ASN B 38 -7.46 -7.22 7.91
N MET B 39 -6.23 -6.87 7.51
CA MET B 39 -5.98 -5.66 6.72
C MET B 39 -6.61 -5.82 5.33
N GLY B 40 -6.40 -7.00 4.74
CA GLY B 40 -7.06 -7.37 3.51
C GLY B 40 -8.56 -7.27 3.58
N PHE B 41 -9.13 -7.75 4.69
CA PHE B 41 -10.59 -7.68 4.90
C PHE B 41 -11.02 -6.23 4.81
N ARG B 42 -10.30 -5.34 5.47
CA ARG B 42 -10.71 -3.93 5.49
C ARG B 42 -10.60 -3.29 4.10
N VAL B 43 -9.57 -3.67 3.36
CA VAL B 43 -9.33 -3.15 2.02
C VAL B 43 -10.40 -3.68 1.05
N GLY B 44 -10.69 -4.97 1.12
CA GLY B 44 -11.75 -5.60 0.32
C GLY B 44 -13.10 -4.89 0.51
N GLN B 45 -13.47 -4.64 1.76
CA GLN B 45 -14.67 -3.83 2.05
C GLN B 45 -14.66 -2.47 1.35
N GLY B 46 -13.54 -1.75 1.46
CA GLY B 46 -13.45 -0.39 0.97
C GLY B 46 -13.47 -0.38 -0.54
N LEU B 47 -12.92 -1.42 -1.16
CA LEU B 47 -12.97 -1.53 -2.62
C LEU B 47 -14.41 -1.67 -3.17
N ILE B 48 -15.21 -2.53 -2.54
CA ILE B 48 -16.63 -2.70 -2.89
C ILE B 48 -17.39 -1.40 -2.69
N GLU B 49 -17.08 -0.73 -1.57
CA GLU B 49 -17.73 0.51 -1.19
C GLU B 49 -17.54 1.58 -2.29
N ARG B 50 -16.36 1.62 -2.88
CA ARG B 50 -16.02 2.58 -3.93
C ARG B 50 -16.50 2.12 -5.31
N PHE B 51 -16.25 0.85 -5.63
CA PHE B 51 -16.61 0.27 -6.92
C PHE B 51 -18.12 0.06 -7.04
N THR B 52 -18.64 -0.93 -6.32
CA THR B 52 -20.02 -1.37 -6.49
C THR B 52 -21.02 -0.58 -5.63
N LYS B 53 -21.85 0.22 -6.29
CA LYS B 53 -22.96 0.93 -5.65
C LYS B 53 -24.06 -0.06 -5.26
N PHE B 58 -27.25 -8.01 -7.77
CA PHE B 58 -26.77 -9.33 -7.38
C PHE B 58 -27.91 -10.19 -6.84
N LYS B 59 -28.67 -10.77 -7.74
CA LYS B 59 -29.84 -11.57 -7.37
C LYS B 59 -29.49 -13.03 -7.06
N ASP B 60 -28.21 -13.29 -6.78
CA ASP B 60 -27.73 -14.65 -6.60
C ASP B 60 -26.34 -14.69 -5.95
N GLU B 61 -26.11 -15.70 -5.14
CA GLU B 61 -24.78 -16.00 -4.60
C GLU B 61 -23.79 -16.32 -5.73
N LEU B 62 -24.23 -17.15 -6.67
CA LEU B 62 -23.45 -17.46 -7.86
C LEU B 62 -23.05 -16.20 -8.63
N ASP B 63 -23.96 -15.22 -8.68
CA ASP B 63 -23.69 -13.93 -9.28
C ASP B 63 -22.59 -13.20 -8.51
N ILE B 64 -22.67 -13.26 -7.18
CA ILE B 64 -21.72 -12.55 -6.33
C ILE B 64 -20.31 -13.14 -6.55
N MET B 65 -20.22 -14.47 -6.63
CA MET B 65 -18.94 -15.14 -6.86
C MET B 65 -18.37 -14.83 -8.25
N LYS B 66 -19.25 -14.74 -9.24
CA LYS B 66 -18.86 -14.35 -10.60
C LYS B 66 -18.26 -12.94 -10.62
N PHE B 67 -18.87 -12.04 -9.86
CA PHE B 67 -18.37 -10.68 -9.74
C PHE B 67 -16.96 -10.64 -9.13
N ILE B 68 -16.75 -11.37 -8.02
CA ILE B 68 -15.42 -11.51 -7.42
C ILE B 68 -14.37 -11.98 -8.43
N CYS B 69 -14.71 -13.02 -9.18
CA CYS B 69 -13.82 -13.58 -10.19
C CYS B 69 -13.57 -12.63 -11.36
N LYS B 70 -14.57 -11.81 -11.69
CA LYS B 70 -14.47 -10.95 -12.85
C LYS B 70 -14.04 -9.54 -12.48
N ASP B 71 -15.00 -8.69 -12.13
CA ASP B 71 -14.74 -7.28 -11.81
C ASP B 71 -13.77 -7.07 -10.65
N PHE B 72 -13.97 -7.81 -9.57
CA PHE B 72 -13.14 -7.65 -8.38
C PHE B 72 -11.68 -8.02 -8.65
N TRP B 73 -11.44 -9.23 -9.14
CA TRP B 73 -10.06 -9.65 -9.46
C TRP B 73 -9.39 -8.72 -10.47
N THR B 74 -10.17 -8.17 -11.41
CA THR B 74 -9.64 -7.22 -12.39
C THR B 74 -9.25 -5.90 -11.74
N THR B 75 -10.09 -5.42 -10.83
CA THR B 75 -9.80 -4.19 -10.07
C THR B 75 -8.44 -4.30 -9.36
N VAL B 76 -8.19 -5.44 -8.72
CA VAL B 76 -6.97 -5.65 -7.94
C VAL B 76 -5.78 -6.13 -8.77
N PHE B 77 -5.99 -7.17 -9.57
CA PHE B 77 -4.85 -7.83 -10.22
C PHE B 77 -4.83 -7.62 -11.73
N LYS B 78 -5.78 -6.83 -12.24
CA LYS B 78 -5.85 -6.44 -13.66
C LYS B 78 -6.11 -7.64 -14.60
N LYS B 79 -6.66 -8.71 -14.04
CA LYS B 79 -7.07 -9.89 -14.80
C LYS B 79 -8.18 -10.61 -14.06
N GLN B 80 -8.90 -11.50 -14.75
CA GLN B 80 -9.94 -12.33 -14.11
C GLN B 80 -9.35 -13.59 -13.50
N ILE B 81 -10.11 -14.20 -12.57
CA ILE B 81 -9.80 -15.53 -12.06
C ILE B 81 -9.86 -16.52 -13.24
N ASP B 82 -8.92 -17.47 -13.28
CA ASP B 82 -8.83 -18.42 -14.38
C ASP B 82 -9.87 -19.55 -14.35
N ASN B 83 -10.19 -20.04 -13.15
N ASN B 83 -10.24 -19.99 -13.15
CA ASN B 83 -11.19 -21.09 -12.96
CA ASN B 83 -11.20 -21.08 -13.00
C ASN B 83 -12.00 -20.82 -11.71
C ASN B 83 -11.99 -20.93 -11.72
N LEU B 84 -13.32 -21.01 -11.83
CA LEU B 84 -14.21 -21.01 -10.66
C LEU B 84 -14.84 -22.40 -10.59
N ARG B 85 -14.76 -23.03 -9.42
CA ARG B 85 -15.40 -24.32 -9.17
C ARG B 85 -16.29 -24.21 -7.93
N THR B 86 -17.33 -25.02 -7.87
CA THR B 86 -18.18 -25.08 -6.68
C THR B 86 -18.61 -26.52 -6.37
N ASN B 87 -18.94 -26.79 -5.12
CA ASN B 87 -19.64 -28.03 -4.82
C ASN B 87 -21.17 -27.89 -4.65
N HIS B 88 -21.65 -26.66 -4.82
CA HIS B 88 -23.09 -26.32 -4.64
C HIS B 88 -23.61 -26.59 -3.22
N GLN B 89 -22.68 -26.70 -2.29
CA GLN B 89 -22.99 -26.91 -0.89
C GLN B 89 -22.28 -25.86 -0.03
N GLY B 90 -21.79 -24.79 -0.65
CA GLY B 90 -21.24 -23.64 0.09
C GLY B 90 -19.74 -23.49 0.02
N ILE B 91 -19.08 -24.29 -0.82
CA ILE B 91 -17.64 -24.14 -1.01
C ILE B 91 -17.32 -23.78 -2.46
N TYR B 92 -16.54 -22.72 -2.65
CA TYR B 92 -16.02 -22.33 -3.97
C TYR B 92 -14.51 -22.40 -3.98
N VAL B 93 -13.95 -22.68 -5.15
CA VAL B 93 -12.50 -22.64 -5.32
C VAL B 93 -12.19 -21.74 -6.48
N LEU B 94 -11.39 -20.70 -6.21
CA LEU B 94 -11.00 -19.71 -7.21
C LEU B 94 -9.53 -19.94 -7.57
N GLN B 95 -9.29 -20.20 -8.85
CA GLN B 95 -7.95 -20.52 -9.32
C GLN B 95 -7.38 -19.40 -10.15
N ASP B 96 -6.19 -18.97 -9.75
CA ASP B 96 -5.40 -17.98 -10.49
C ASP B 96 -4.11 -18.69 -10.88
N ASN B 97 -3.92 -18.90 -12.19
CA ASN B 97 -2.78 -19.68 -12.71
C ASN B 97 -1.43 -19.00 -12.56
N LYS B 98 -1.43 -17.70 -12.24
CA LYS B 98 -0.18 -16.95 -12.11
C LYS B 98 -0.37 -15.80 -11.14
N PHE B 99 -0.46 -16.12 -9.85
CA PHE B 99 -0.81 -15.14 -8.83
C PHE B 99 0.24 -14.05 -8.72
N ARG B 100 -0.22 -12.82 -8.88
CA ARG B 100 0.67 -11.70 -9.11
C ARG B 100 1.56 -11.35 -7.93
N LEU B 101 1.06 -11.62 -6.72
CA LEU B 101 1.81 -11.31 -5.49
C LEU B 101 2.86 -12.37 -5.11
N LEU B 102 2.92 -13.44 -5.90
CA LEU B 102 4.01 -14.43 -5.83
C LEU B 102 5.11 -14.07 -6.83
N THR B 103 4.72 -13.86 -8.09
CA THR B 103 5.61 -13.27 -9.11
C THR B 103 4.79 -12.66 -10.27
N ALA B 115 5.74 -18.92 1.40
CA ALA B 115 4.83 -18.83 0.27
C ALA B 115 3.40 -18.57 0.71
N SER B 116 2.99 -19.24 1.78
CA SER B 116 1.66 -19.06 2.38
C SER B 116 1.40 -17.61 2.79
N LYS B 117 2.40 -16.99 3.43
CA LYS B 117 2.36 -15.59 3.88
C LYS B 117 1.83 -14.62 2.81
N TYR B 118 2.13 -14.92 1.56
CA TYR B 118 1.88 -14.00 0.45
C TYR B 118 0.43 -14.02 -0.03
N LEU B 119 -0.34 -14.99 0.47
CA LEU B 119 -1.74 -15.14 0.09
C LEU B 119 -2.72 -14.63 1.14
N ALA B 120 -2.24 -14.36 2.36
CA ALA B 120 -3.13 -14.02 3.48
C ALA B 120 -3.95 -12.73 3.24
N PHE B 121 -3.27 -11.66 2.86
CA PHE B 121 -3.92 -10.37 2.58
C PHE B 121 -5.03 -10.56 1.55
N THR B 122 -4.76 -11.36 0.53
CA THR B 122 -5.70 -11.61 -0.55
C THR B 122 -6.87 -12.46 -0.10
N CYS B 123 -6.61 -13.43 0.78
CA CYS B 123 -7.70 -14.10 1.47
C CYS B 123 -8.66 -13.09 2.12
N GLY B 124 -8.11 -12.05 2.76
CA GLY B 124 -8.90 -11.00 3.39
C GLY B 124 -9.62 -10.12 2.38
N LEU B 125 -8.93 -9.78 1.29
CA LEU B 125 -9.55 -9.02 0.20
C LEU B 125 -10.86 -9.68 -0.21
N ILE B 126 -10.81 -10.99 -0.46
CA ILE B 126 -11.97 -11.77 -0.88
C ILE B 126 -13.03 -11.79 0.22
N ARG B 127 -12.62 -12.10 1.44
CA ARG B 127 -13.56 -12.16 2.56
C ARG B 127 -14.24 -10.80 2.78
N GLY B 128 -13.47 -9.70 2.73
CA GLY B 128 -13.99 -8.35 2.92
C GLY B 128 -14.91 -7.91 1.78
N GLY B 129 -14.51 -8.23 0.55
CA GLY B 129 -15.37 -7.96 -0.60
C GLY B 129 -16.71 -8.66 -0.49
N LEU B 130 -16.67 -9.97 -0.22
CA LEU B 130 -17.90 -10.72 0.03
C LEU B 130 -18.75 -10.19 1.17
N SER B 131 -18.10 -9.82 2.28
CA SER B 131 -18.80 -9.29 3.44
C SER B 131 -19.64 -8.06 3.07
N ASN B 132 -19.04 -7.12 2.35
CA ASN B 132 -19.77 -5.93 1.90
C ASN B 132 -20.91 -6.24 0.92
N LEU B 133 -20.85 -7.40 0.27
CA LEU B 133 -21.94 -7.84 -0.59
C LEU B 133 -22.93 -8.79 0.13
N GLY B 134 -22.78 -8.97 1.43
CA GLY B 134 -23.79 -9.66 2.25
C GLY B 134 -23.49 -11.13 2.54
N ILE B 135 -22.25 -11.54 2.31
CA ILE B 135 -21.84 -12.93 2.47
C ILE B 135 -20.73 -13.04 3.51
N LYS B 136 -20.97 -13.85 4.53
CA LYS B 136 -19.96 -14.18 5.50
C LYS B 136 -19.25 -15.41 4.98
N SER B 137 -17.93 -15.42 5.10
CA SER B 137 -17.16 -16.54 4.56
C SER B 137 -15.90 -16.76 5.35
N ILE B 138 -15.35 -17.96 5.19
CA ILE B 138 -13.98 -18.23 5.66
C ILE B 138 -13.17 -18.48 4.41
N VAL B 139 -12.08 -17.74 4.24
CA VAL B 139 -11.29 -17.84 3.01
C VAL B 139 -9.88 -18.29 3.34
N THR B 140 -9.46 -19.37 2.69
CA THR B 140 -8.10 -19.89 2.84
C THR B 140 -7.50 -20.07 1.44
N ALA B 141 -6.20 -20.30 1.36
CA ALA B 141 -5.51 -20.41 0.08
C ALA B 141 -4.25 -21.26 0.16
N GLU B 142 -3.87 -21.82 -0.98
CA GLU B 142 -2.66 -22.58 -1.13
C GLU B 142 -2.06 -22.28 -2.49
N VAL B 143 -0.74 -22.37 -2.56
CA VAL B 143 -0.06 -22.46 -3.83
C VAL B 143 -0.32 -23.89 -4.34
N SER B 144 -1.07 -24.02 -5.44
CA SER B 144 -1.27 -25.33 -6.07
C SER B 144 0.04 -25.82 -6.72
N SER B 145 0.58 -25.02 -7.64
CA SER B 145 1.93 -25.23 -8.19
C SER B 145 2.48 -23.92 -8.71
N MET B 146 3.49 -23.38 -8.02
CA MET B 146 4.03 -22.04 -8.29
C MET B 146 4.09 -21.72 -9.79
N PRO B 147 3.59 -20.54 -10.19
CA PRO B 147 2.95 -19.47 -9.41
C PRO B 147 1.43 -19.53 -9.33
N ALA B 148 0.86 -20.70 -9.60
CA ALA B 148 -0.60 -20.90 -9.52
C ALA B 148 -1.06 -21.05 -8.08
N CYS B 149 -2.22 -20.48 -7.77
CA CYS B 149 -2.81 -20.52 -6.43
C CYS B 149 -4.31 -20.81 -6.47
N LYS B 150 -4.81 -21.42 -5.41
CA LYS B 150 -6.23 -21.71 -5.24
C LYS B 150 -6.72 -21.06 -3.94
N PHE B 151 -7.79 -20.27 -4.05
CA PHE B 151 -8.44 -19.66 -2.88
C PHE B 151 -9.71 -20.41 -2.62
N GLN B 152 -9.86 -20.96 -1.41
CA GLN B 152 -11.08 -21.68 -1.05
C GLN B 152 -12.01 -20.77 -0.25
N VAL B 153 -13.26 -20.69 -0.68
CA VAL B 153 -14.24 -19.81 -0.03
C VAL B 153 -15.34 -20.68 0.56
N MET B 154 -15.40 -20.73 1.90
CA MET B 154 -16.47 -21.46 2.58
CA MET B 154 -16.45 -21.46 2.62
C MET B 154 -17.48 -20.46 3.11
N ILE B 155 -18.64 -20.44 2.46
CA ILE B 155 -19.70 -19.54 2.84
C ILE B 155 -20.31 -20.02 4.15
N GLN B 156 -20.44 -19.05 5.07
CA GLN B 156 -20.99 -19.27 6.40
C GLN B 156 -22.48 -18.91 6.42
N LYS B 157 -23.26 -19.73 7.10
CA LYS B 157 -24.69 -19.47 7.25
C LYS B 157 -24.89 -18.26 8.18
N LEU B 158 -24.00 -18.14 9.16
CA LEU B 158 -24.02 -17.01 10.11
C LEU B 158 -22.65 -16.83 10.78
C1 PLM C . 17.94 10.51 -10.71
O1 PLM C . 18.87 11.11 -10.10
O2 PLM C . 17.98 10.47 -11.97
C2 PLM C . 16.82 9.82 -9.95
C3 PLM C . 16.34 10.66 -8.76
C4 PLM C . 14.82 10.67 -8.63
C5 PLM C . 14.30 9.60 -7.67
C6 PLM C . 12.77 9.52 -7.73
C7 PLM C . 12.18 8.41 -6.86
C8 PLM C . 11.53 8.96 -5.61
C9 PLM C . 10.09 8.47 -5.43
CA PLM C . 9.14 9.63 -5.18
CB PLM C . 7.68 9.30 -5.49
CC PLM C . 7.07 8.64 -4.26
CD PLM C . 5.74 7.97 -4.55
CE PLM C . 5.57 6.80 -3.60
CF PLM C . 4.34 6.94 -2.71
CG PLM C . 4.47 6.07 -1.47
#